data_6Z6D
#
_entry.id   6Z6D
#
_cell.length_a   211.787
_cell.length_b   39.146
_cell.length_c   65.450
_cell.angle_alpha   90.000
_cell.angle_beta   103.390
_cell.angle_gamma   90.000
#
_symmetry.space_group_name_H-M   'C 1 2 1'
#
loop_
_entity.id
_entity.type
_entity.pdbx_description
1 polymer 'Terminase large subunit'
2 non-polymer 'BROMIDE ION'
3 water water
#
_entity_poly.entity_id   1
_entity_poly.type   'polypeptide(L)'
_entity_poly.pdbx_seq_one_letter_code
;MGSSHHHHHHMTRGERVIAFIERFCIVPEGKLIGQPMRLDPFQKDFILAVYDNPAGTDMAILSIARKNGKTGLIAGILLA
HLVGPEAVQNTQIVSGALSREQAAIVFNLAVKMVNLNPKLQEIVHITPSGKKLIGLPCNVEYKALSAEGKTTHGLSPILA
ILDETGQVRGPQDDFIDAITTAQGAHENPLLIVISTQAANDADLLSIWIDDAVKSKDPHIVCHVYEAPKDADISKRESWL
AANPALGTFRSEKDMARQAEKAGRMPSFENTFRNLNLNQRVSTVSPFISRSVWELCGEMPINTPRKWYAGLDLSARNDLT
ALVIAGEADDGVWDVFPFFWTPQKTLEERTKTDRAPYDVWVREGLLRTTPGASVDYSFVVADIAEIIGDFDLTSMAFDRW
RIDQFRKDADAIGLSLPLVEFGQGFKDMGPAVDTLESLMLNGRVRHGMHPVLTMCAVNAVVVKDAAGNRKLDKSKATGRI
DGMVAMTMSVGAANGEVTEQGGDFDDFIFRPLSM
;
_entity_poly.pdbx_strand_id   A
#
# COMPACT_ATOMS: atom_id res chain seq x y z
N MET A 11 -27.96 19.50 -16.08
CA MET A 11 -27.40 18.11 -16.13
C MET A 11 -25.97 18.09 -15.61
N THR A 12 -25.66 17.22 -14.65
CA THR A 12 -24.32 17.24 -14.02
C THR A 12 -23.24 16.61 -14.89
N ARG A 13 -21.99 16.87 -14.51
CA ARG A 13 -20.82 16.31 -15.18
C ARG A 13 -20.85 14.78 -15.15
N GLY A 14 -21.10 14.23 -13.97
CA GLY A 14 -21.29 12.79 -13.79
C GLY A 14 -22.47 12.23 -14.57
N GLU A 15 -23.59 12.94 -14.58
CA GLU A 15 -24.77 12.56 -15.37
C GLU A 15 -24.47 12.53 -16.87
N ARG A 16 -23.57 13.40 -17.34
CA ARG A 16 -23.12 13.39 -18.74
C ARG A 16 -22.26 12.18 -19.12
N VAL A 17 -21.36 11.77 -18.22
CA VAL A 17 -20.56 10.56 -18.44
C VAL A 17 -21.51 9.36 -18.55
N ILE A 18 -22.44 9.25 -17.61
CA ILE A 18 -23.41 8.15 -17.61
C ILE A 18 -24.18 8.17 -18.92
N ALA A 19 -24.77 9.32 -19.25
CA ALA A 19 -25.53 9.45 -20.51
C ALA A 19 -24.69 9.04 -21.73
N PHE A 20 -23.44 9.50 -21.78
CA PHE A 20 -22.54 9.14 -22.87
C PHE A 20 -22.31 7.64 -22.96
N ILE A 21 -22.00 7.01 -21.82
CA ILE A 21 -21.74 5.58 -21.80
C ILE A 21 -22.98 4.83 -22.27
N GLU A 22 -24.15 5.18 -21.71
CA GLU A 22 -25.39 4.49 -22.07
C GLU A 22 -25.92 4.84 -23.47
N ARG A 23 -25.53 5.98 -24.02
CA ARG A 23 -25.94 6.34 -25.40
C ARG A 23 -25.03 5.69 -26.45
N PHE A 24 -23.70 5.78 -26.27
CA PHE A 24 -22.75 5.45 -27.33
C PHE A 24 -22.03 4.11 -27.20
N CYS A 25 -21.99 3.53 -26.00
CA CYS A 25 -21.24 2.29 -25.76
C CYS A 25 -22.15 1.08 -25.88
N ILE A 26 -21.74 0.13 -26.72
CA ILE A 26 -22.50 -1.09 -26.98
C ILE A 26 -21.73 -2.29 -26.44
N VAL A 27 -22.45 -3.17 -25.75
CA VAL A 27 -21.87 -4.37 -25.12
C VAL A 27 -21.49 -5.38 -26.23
N PRO A 28 -20.25 -5.90 -26.21
CA PRO A 28 -19.92 -7.09 -27.02
C PRO A 28 -19.71 -8.33 -26.15
N ILE A 33 -23.10 -9.23 -26.16
CA ILE A 33 -23.30 -9.01 -27.58
C ILE A 33 -24.56 -8.18 -27.86
N GLY A 34 -24.46 -7.22 -28.79
CA GLY A 34 -25.61 -6.53 -29.36
C GLY A 34 -26.18 -5.33 -28.62
N GLN A 35 -26.49 -5.49 -27.34
CA GLN A 35 -27.31 -4.53 -26.58
C GLN A 35 -26.52 -3.28 -26.14
N PRO A 36 -27.17 -2.10 -26.09
CA PRO A 36 -26.49 -0.92 -25.55
C PRO A 36 -26.27 -1.05 -24.05
N MET A 37 -25.11 -0.61 -23.57
CA MET A 37 -24.66 -0.69 -22.18
C MET A 37 -25.59 0.10 -21.26
N ARG A 38 -26.05 -0.52 -20.18
CA ARG A 38 -26.92 -0.12 -19.10
C ARG A 38 -26.16 -0.29 -17.79
N LEU A 39 -25.77 0.81 -17.19
CA LEU A 39 -24.95 0.81 -15.97
C LEU A 39 -25.80 0.47 -14.76
N ASP A 40 -25.25 -0.32 -13.83
CA ASP A 40 -25.94 -0.59 -12.57
C ASP A 40 -25.80 0.62 -11.66
N PRO A 41 -26.69 0.77 -10.66
CA PRO A 41 -26.60 1.84 -9.67
C PRO A 41 -25.23 2.04 -9.00
N PHE A 42 -24.55 0.95 -8.66
CA PHE A 42 -23.23 1.06 -8.03
C PHE A 42 -22.21 1.72 -8.96
N GLN A 43 -22.32 1.42 -10.25
CA GLN A 43 -21.46 2.02 -11.27
C GLN A 43 -21.79 3.51 -11.44
N LYS A 44 -23.09 3.81 -11.50
CA LYS A 44 -23.56 5.18 -11.61
C LYS A 44 -23.17 6.03 -10.41
N ASP A 45 -23.43 5.49 -9.22
CA ASP A 45 -23.13 6.17 -7.96
C ASP A 45 -21.64 6.44 -7.81
N PHE A 46 -20.81 5.54 -8.32
CA PHE A 46 -19.37 5.76 -8.33
C PHE A 46 -18.99 6.89 -9.27
N ILE A 47 -19.59 6.90 -10.46
CA ILE A 47 -19.35 7.94 -11.46
C ILE A 47 -19.80 9.31 -10.95
N LEU A 48 -21.01 9.37 -10.39
CA LEU A 48 -21.53 10.61 -9.80
C LEU A 48 -20.62 11.16 -8.69
N ALA A 49 -20.16 10.28 -7.81
CA ALA A 49 -19.27 10.67 -6.72
C ALA A 49 -17.93 11.20 -7.21
N VAL A 50 -17.39 10.59 -8.27
CA VAL A 50 -16.11 11.04 -8.82
C VAL A 50 -16.23 12.40 -9.49
N TYR A 51 -17.22 12.55 -10.38
CA TYR A 51 -17.28 13.71 -11.28
C TYR A 51 -18.06 14.89 -10.69
N ASP A 52 -19.04 14.63 -9.83
CA ASP A 52 -19.80 15.69 -9.13
C ASP A 52 -19.29 15.98 -7.72
N ASN A 53 -18.07 15.55 -7.40
CA ASN A 53 -17.41 15.97 -6.18
C ASN A 53 -17.21 17.50 -6.24
N PRO A 54 -17.93 18.29 -5.40
CA PRO A 54 -17.70 19.75 -5.39
C PRO A 54 -16.31 20.16 -4.89
N ALA A 55 -15.62 19.28 -4.17
CA ALA A 55 -14.25 19.55 -3.73
C ALA A 55 -13.19 19.19 -4.80
N GLY A 56 -13.58 18.47 -5.85
CA GLY A 56 -12.66 17.98 -6.87
C GLY A 56 -12.05 16.66 -6.44
N THR A 57 -12.05 15.68 -7.35
CA THR A 57 -11.51 14.34 -7.07
C THR A 57 -10.11 14.19 -7.67
N ASP A 58 -9.12 13.90 -6.83
CA ASP A 58 -7.75 13.56 -7.26
C ASP A 58 -7.60 12.07 -7.54
N MET A 59 -8.20 11.25 -6.69
CA MET A 59 -8.10 9.79 -6.79
C MET A 59 -9.45 9.16 -6.49
N ALA A 60 -9.82 8.16 -7.29
CA ALA A 60 -11.07 7.43 -7.12
C ALA A 60 -10.80 5.92 -7.09
N ILE A 61 -11.25 5.27 -6.03
CA ILE A 61 -11.10 3.82 -5.90
C ILE A 61 -12.49 3.18 -5.88
N LEU A 62 -12.70 2.21 -6.77
CA LEU A 62 -13.86 1.33 -6.74
C LEU A 62 -13.33 -0.08 -6.60
N SER A 63 -13.65 -0.74 -5.49
CA SER A 63 -13.19 -2.09 -5.23
C SER A 63 -14.38 -3.02 -5.14
N ILE A 64 -14.37 -4.02 -6.01
CA ILE A 64 -15.45 -4.97 -6.16
C ILE A 64 -14.86 -6.36 -6.37
N ALA A 65 -15.65 -7.39 -6.13
CA ALA A 65 -15.23 -8.77 -6.41
C ALA A 65 -15.07 -8.97 -7.92
N ARG A 66 -14.35 -10.03 -8.28
CA ARG A 66 -14.15 -10.37 -9.70
C ARG A 66 -15.48 -10.56 -10.44
N LYS A 67 -15.48 -10.19 -11.71
CA LYS A 67 -16.57 -10.46 -12.68
C LYS A 67 -17.83 -9.64 -12.43
N ASN A 68 -17.61 -8.39 -12.00
CA ASN A 68 -18.67 -7.41 -11.76
C ASN A 68 -18.58 -6.23 -12.74
N GLY A 69 -18.12 -6.50 -13.97
CA GLY A 69 -18.17 -5.51 -15.05
C GLY A 69 -17.06 -4.47 -15.09
N LYS A 70 -15.94 -4.75 -14.42
CA LYS A 70 -14.77 -3.86 -14.40
C LYS A 70 -14.33 -3.41 -15.80
N THR A 71 -14.09 -4.37 -16.70
CA THR A 71 -13.57 -4.08 -18.04
C THR A 71 -14.46 -3.08 -18.79
N GLY A 72 -15.76 -3.37 -18.83
CA GLY A 72 -16.73 -2.48 -19.46
C GLY A 72 -16.75 -1.06 -18.93
N LEU A 73 -16.66 -0.93 -17.60
CA LEU A 73 -16.68 0.37 -16.94
C LEU A 73 -15.44 1.17 -17.27
N ILE A 74 -14.28 0.51 -17.19
CA ILE A 74 -13.01 1.12 -17.56
C ILE A 74 -13.05 1.65 -19.01
N ALA A 75 -13.55 0.81 -19.91
CA ALA A 75 -13.66 1.15 -21.33
C ALA A 75 -14.61 2.31 -21.54
N GLY A 76 -15.77 2.25 -20.88
CA GLY A 76 -16.74 3.32 -20.93
C GLY A 76 -16.18 4.67 -20.52
N ILE A 77 -15.49 4.68 -19.38
CA ILE A 77 -14.91 5.90 -18.84
C ILE A 77 -13.81 6.43 -19.76
N LEU A 78 -12.98 5.54 -20.30
CA LEU A 78 -11.92 5.94 -21.23
C LEU A 78 -12.50 6.65 -22.45
N LEU A 79 -13.56 6.08 -23.00
CA LEU A 79 -14.20 6.61 -24.19
C LEU A 79 -14.88 7.95 -23.94
N ALA A 80 -15.48 8.13 -22.76
CA ALA A 80 -16.01 9.44 -22.32
C ALA A 80 -14.91 10.51 -22.32
N HIS A 81 -13.69 10.12 -21.94
CA HIS A 81 -12.53 11.00 -21.96
C HIS A 81 -11.83 11.08 -23.33
N LEU A 82 -12.07 10.11 -24.20
CA LEU A 82 -11.43 10.08 -25.52
C LEU A 82 -12.16 10.95 -26.52
N VAL A 83 -13.49 10.79 -26.54
CA VAL A 83 -14.36 11.52 -27.45
C VAL A 83 -15.68 12.08 -26.87
N GLY A 84 -15.99 11.79 -25.61
CA GLY A 84 -17.26 12.15 -25.00
C GLY A 84 -17.14 13.47 -24.25
N PRO A 85 -18.02 13.71 -23.25
CA PRO A 85 -18.08 15.02 -22.59
C PRO A 85 -16.85 15.40 -21.76
N GLU A 86 -16.03 14.41 -21.38
CA GLU A 86 -14.77 14.66 -20.63
C GLU A 86 -13.57 14.94 -21.51
N ALA A 87 -13.73 14.86 -22.84
CA ALA A 87 -12.64 15.07 -23.77
C ALA A 87 -12.18 16.52 -23.75
N VAL A 88 -10.88 16.69 -23.56
CA VAL A 88 -10.24 18.00 -23.52
C VAL A 88 -9.04 17.99 -24.50
N GLN A 89 -8.78 19.14 -25.12
CA GLN A 89 -7.88 19.23 -26.28
C GLN A 89 -6.40 18.89 -26.00
N ASN A 90 -5.78 18.09 -26.87
CA ASN A 90 -4.33 17.76 -26.81
C ASN A 90 -3.90 17.12 -25.48
N THR A 91 -4.57 16.05 -25.09
CA THR A 91 -4.25 15.34 -23.85
C THR A 91 -3.97 13.87 -24.08
N GLN A 92 -3.47 13.22 -23.04
CA GLN A 92 -3.24 11.80 -23.04
C GLN A 92 -4.04 11.17 -21.92
N ILE A 93 -4.59 9.98 -22.21
CA ILE A 93 -5.21 9.15 -21.18
C ILE A 93 -4.63 7.75 -21.26
N VAL A 94 -4.48 7.09 -20.11
CA VAL A 94 -3.90 5.76 -20.07
C VAL A 94 -4.70 4.81 -19.20
N SER A 95 -4.54 3.53 -19.50
CA SER A 95 -4.91 2.46 -18.61
C SER A 95 -3.60 1.76 -18.25
N GLY A 96 -3.52 1.29 -17.01
CA GLY A 96 -2.32 0.62 -16.49
C GLY A 96 -2.68 -0.67 -15.79
N ALA A 97 -2.09 -1.79 -16.25
CA ALA A 97 -2.24 -3.10 -15.60
C ALA A 97 -0.87 -3.71 -15.42
N LEU A 98 -0.80 -4.84 -14.73
CA LEU A 98 0.49 -5.48 -14.48
C LEU A 98 0.98 -6.28 -15.67
N SER A 99 0.07 -6.97 -16.37
CA SER A 99 0.45 -7.84 -17.49
C SER A 99 0.00 -7.26 -18.85
N ARG A 100 0.74 -7.63 -19.91
CA ARG A 100 0.34 -7.37 -21.29
C ARG A 100 -1.10 -7.80 -21.52
N GLU A 101 -1.41 -9.03 -21.12
CA GLU A 101 -2.75 -9.62 -21.28
C GLU A 101 -3.86 -8.67 -20.81
N GLN A 102 -3.73 -8.16 -19.58
CA GLN A 102 -4.73 -7.26 -18.98
C GLN A 102 -4.92 -5.96 -19.78
N ALA A 103 -3.80 -5.38 -20.21
CA ALA A 103 -3.81 -4.20 -21.08
C ALA A 103 -4.49 -4.49 -22.40
N ALA A 104 -4.26 -5.66 -22.97
CA ALA A 104 -4.93 -6.08 -24.23
C ALA A 104 -6.43 -6.23 -24.05
N ILE A 105 -6.85 -6.83 -22.94
CA ILE A 105 -8.27 -7.06 -22.66
C ILE A 105 -9.07 -5.74 -22.66
N VAL A 106 -8.56 -4.72 -21.95
CA VAL A 106 -9.23 -3.42 -21.90
C VAL A 106 -9.20 -2.74 -23.25
N PHE A 107 -8.03 -2.69 -23.86
CA PHE A 107 -7.86 -2.14 -25.20
C PHE A 107 -8.78 -2.77 -26.25
N ASN A 108 -8.82 -4.10 -26.29
CA ASN A 108 -9.66 -4.84 -27.24
C ASN A 108 -11.14 -4.56 -27.06
N LEU A 109 -11.59 -4.48 -25.80
CA LEU A 109 -13.00 -4.15 -25.51
C LEU A 109 -13.33 -2.72 -25.94
N ALA A 110 -12.43 -1.78 -25.69
CA ALA A 110 -12.60 -0.39 -26.15
C ALA A 110 -12.67 -0.29 -27.68
N VAL A 111 -11.80 -1.01 -28.37
CA VAL A 111 -11.84 -1.08 -29.83
C VAL A 111 -13.18 -1.66 -30.33
N LYS A 112 -13.68 -2.73 -29.69
CA LYS A 112 -14.96 -3.33 -30.10
C LYS A 112 -16.13 -2.37 -29.93
N MET A 113 -16.14 -1.62 -28.82
CA MET A 113 -17.14 -0.57 -28.59
C MET A 113 -17.05 0.49 -29.68
N VAL A 114 -15.83 0.93 -29.99
CA VAL A 114 -15.60 1.92 -31.04
C VAL A 114 -16.17 1.43 -32.39
N ASN A 115 -15.93 0.17 -32.73
CA ASN A 115 -16.37 -0.36 -34.04
C ASN A 115 -17.79 -0.94 -34.11
N LEU A 116 -18.49 -1.02 -32.97
CA LEU A 116 -19.91 -1.37 -32.94
C LEU A 116 -20.87 -0.18 -33.10
N ASN A 117 -20.38 1.04 -32.86
CA ASN A 117 -21.18 2.26 -33.03
C ASN A 117 -20.50 3.17 -34.09
N PRO A 118 -21.14 3.36 -35.27
CA PRO A 118 -20.56 4.24 -36.30
C PRO A 118 -20.28 5.68 -35.85
N LYS A 119 -21.08 6.20 -34.92
CA LYS A 119 -20.86 7.54 -34.40
C LYS A 119 -19.53 7.65 -33.62
N LEU A 120 -19.08 6.55 -33.00
CA LEU A 120 -17.73 6.48 -32.41
C LEU A 120 -16.66 6.08 -33.41
N GLN A 121 -16.99 5.10 -34.24
CA GLN A 121 -16.11 4.62 -35.30
C GLN A 121 -15.56 5.74 -36.19
N GLU A 122 -16.44 6.64 -36.57
CA GLU A 122 -16.11 7.73 -37.50
C GLU A 122 -15.23 8.86 -36.94
N ILE A 123 -14.91 8.84 -35.63
CA ILE A 123 -14.04 9.86 -35.02
C ILE A 123 -12.85 9.31 -34.22
N VAL A 124 -12.51 8.04 -34.44
CA VAL A 124 -11.36 7.41 -33.76
C VAL A 124 -10.42 6.79 -34.78
N HIS A 125 -9.14 7.12 -34.69
CA HIS A 125 -8.10 6.50 -35.51
C HIS A 125 -7.29 5.53 -34.67
N ILE A 126 -7.14 4.30 -35.16
CA ILE A 126 -6.38 3.26 -34.47
C ILE A 126 -5.01 3.10 -35.13
N THR A 127 -3.98 3.06 -34.31
CA THR A 127 -2.60 2.93 -34.79
C THR A 127 -2.35 1.43 -35.12
N PRO A 128 -1.70 1.13 -36.28
CA PRO A 128 -1.50 -0.27 -36.71
C PRO A 128 -0.48 -1.09 -35.91
N SER A 129 0.32 -0.44 -35.07
CA SER A 129 1.16 -1.12 -34.08
C SER A 129 0.88 -0.60 -32.67
N GLY A 130 1.25 -1.40 -31.68
CA GLY A 130 1.08 -1.05 -30.27
C GLY A 130 -0.36 -1.11 -29.85
N LYS A 131 -0.67 -0.38 -28.76
CA LYS A 131 -2.03 -0.24 -28.24
C LYS A 131 -2.34 1.25 -28.08
N LYS A 132 -2.80 1.87 -29.16
CA LYS A 132 -2.97 3.32 -29.20
C LYS A 132 -4.18 3.75 -30.05
N LEU A 133 -5.09 4.49 -29.42
CA LEU A 133 -6.27 5.09 -30.09
C LEU A 133 -6.13 6.59 -30.02
N ILE A 134 -6.60 7.28 -31.06
CA ILE A 134 -6.65 8.75 -31.06
C ILE A 134 -8.10 9.16 -31.23
N GLY A 135 -8.62 9.92 -30.27
CA GLY A 135 -9.90 10.60 -30.43
C GLY A 135 -9.58 11.83 -31.26
N LEU A 136 -10.09 11.87 -32.50
CA LEU A 136 -9.69 12.91 -33.45
C LEU A 136 -10.19 14.32 -33.11
N PRO A 137 -11.49 14.50 -32.80
CA PRO A 137 -12.01 15.86 -32.54
C PRO A 137 -11.25 16.68 -31.50
N CYS A 138 -10.81 16.06 -30.40
CA CYS A 138 -10.05 16.76 -29.36
C CYS A 138 -8.58 16.38 -29.28
N ASN A 139 -8.09 15.62 -30.26
CA ASN A 139 -6.69 15.13 -30.29
C ASN A 139 -6.28 14.48 -28.96
N VAL A 140 -7.10 13.55 -28.49
CA VAL A 140 -6.82 12.78 -27.27
C VAL A 140 -6.16 11.45 -27.63
N GLU A 141 -4.94 11.25 -27.13
CA GLU A 141 -4.22 9.99 -27.27
C GLU A 141 -4.53 9.03 -26.10
N TYR A 142 -4.99 7.82 -26.42
CA TYR A 142 -5.16 6.77 -25.40
C TYR A 142 -4.11 5.67 -25.64
N LYS A 143 -3.34 5.36 -24.59
CA LYS A 143 -2.40 4.23 -24.60
C LYS A 143 -2.77 3.20 -23.52
N ALA A 144 -2.79 1.92 -23.91
CA ALA A 144 -2.95 0.82 -22.95
C ALA A 144 -1.57 0.37 -22.51
N LEU A 145 -1.28 0.58 -21.23
CA LEU A 145 0.04 0.30 -20.69
C LEU A 145 0.01 -0.92 -19.77
N SER A 146 1.17 -1.56 -19.66
CA SER A 146 1.41 -2.60 -18.68
C SER A 146 2.82 -2.49 -18.11
N ALA A 147 2.98 -3.05 -16.91
CA ALA A 147 4.28 -3.11 -16.25
C ALA A 147 5.21 -4.06 -17.01
N GLU A 148 4.67 -5.17 -17.51
CA GLU A 148 5.35 -5.99 -18.52
C GLU A 148 5.62 -5.14 -19.78
N GLY A 149 6.69 -5.44 -20.48
CA GLY A 149 6.97 -4.80 -21.77
C GLY A 149 7.55 -3.40 -21.67
N LYS A 150 7.78 -2.81 -22.85
CA LYS A 150 8.66 -1.65 -22.99
C LYS A 150 8.12 -0.40 -22.34
N THR A 151 8.99 0.33 -21.64
CA THR A 151 8.64 1.66 -21.10
C THR A 151 8.40 2.61 -22.26
N THR A 152 7.16 3.12 -22.39
CA THR A 152 6.80 4.04 -23.48
C THR A 152 7.43 5.40 -23.24
N HIS A 153 7.83 6.06 -24.33
CA HIS A 153 8.59 7.31 -24.25
C HIS A 153 7.73 8.47 -23.71
N GLY A 154 6.78 8.92 -24.53
CA GLY A 154 5.91 10.04 -24.17
C GLY A 154 4.82 9.58 -23.20
N LEU A 155 4.92 10.05 -21.95
CA LEU A 155 3.96 9.69 -20.89
C LEU A 155 3.63 10.91 -20.02
N SER A 156 2.39 11.39 -20.13
CA SER A 156 1.94 12.56 -19.37
C SER A 156 0.43 12.59 -19.31
N PRO A 157 -0.16 11.68 -18.51
CA PRO A 157 -1.62 11.50 -18.58
C PRO A 157 -2.43 12.41 -17.65
N ILE A 158 -3.43 13.10 -18.21
CA ILE A 158 -4.44 13.82 -17.43
C ILE A 158 -5.39 12.83 -16.72
N LEU A 159 -5.58 11.65 -17.31
CA LEU A 159 -6.36 10.55 -16.72
C LEU A 159 -5.55 9.26 -16.81
N ALA A 160 -5.48 8.56 -15.70
CA ALA A 160 -4.90 7.24 -15.63
C ALA A 160 -5.89 6.37 -14.88
N ILE A 161 -6.34 5.27 -15.51
CA ILE A 161 -7.14 4.25 -14.85
C ILE A 161 -6.23 3.07 -14.57
N LEU A 162 -5.98 2.78 -13.29
CA LEU A 162 -5.20 1.60 -12.90
C LEU A 162 -6.15 0.42 -12.77
N ASP A 163 -5.79 -0.68 -13.41
CA ASP A 163 -6.62 -1.87 -13.52
C ASP A 163 -6.01 -2.96 -12.64
N GLU A 164 -6.81 -3.47 -11.69
CA GLU A 164 -6.43 -4.61 -10.83
C GLU A 164 -5.12 -4.43 -10.03
N THR A 165 -4.92 -3.21 -9.52
CA THR A 165 -3.75 -2.86 -8.71
C THR A 165 -3.63 -3.68 -7.40
N GLY A 166 -4.71 -4.35 -6.99
CA GLY A 166 -4.65 -5.25 -5.85
C GLY A 166 -3.71 -6.43 -6.01
N GLN A 167 -3.28 -6.71 -7.25
CA GLN A 167 -2.24 -7.71 -7.52
C GLN A 167 -0.84 -7.31 -7.04
N VAL A 168 -0.60 -6.02 -6.82
CA VAL A 168 0.71 -5.57 -6.29
C VAL A 168 0.89 -6.07 -4.86
N ARG A 169 2.03 -6.72 -4.59
CA ARG A 169 2.31 -7.33 -3.29
C ARG A 169 3.11 -6.42 -2.34
N GLY A 170 4.06 -5.65 -2.85
CA GLY A 170 4.72 -4.68 -1.98
C GLY A 170 3.81 -3.55 -1.45
N PRO A 171 4.37 -2.68 -0.59
CA PRO A 171 3.84 -1.33 -0.44
C PRO A 171 4.23 -0.36 -1.59
N GLN A 172 5.08 -0.77 -2.53
CA GLN A 172 5.41 0.08 -3.68
C GLN A 172 5.64 -0.74 -4.97
N ASP A 173 5.47 -0.08 -6.11
CA ASP A 173 5.70 -0.67 -7.42
C ASP A 173 6.18 0.41 -8.39
N ASP A 174 7.27 0.11 -9.10
CA ASP A 174 7.90 1.08 -10.03
C ASP A 174 6.99 1.56 -11.16
N PHE A 175 6.13 0.68 -11.65
CA PHE A 175 5.25 1.01 -12.77
C PHE A 175 4.18 1.99 -12.35
N ILE A 176 3.53 1.70 -11.23
CA ILE A 176 2.51 2.58 -10.65
C ILE A 176 3.09 3.96 -10.35
N ASP A 177 4.27 4.01 -9.73
CA ASP A 177 4.95 5.28 -9.45
C ASP A 177 5.29 6.07 -10.71
N ALA A 178 5.71 5.39 -11.78
CA ALA A 178 5.99 6.09 -13.06
C ALA A 178 4.77 6.83 -13.60
N ILE A 179 3.61 6.16 -13.55
CA ILE A 179 2.36 6.75 -13.99
C ILE A 179 1.97 7.92 -13.08
N THR A 180 1.99 7.68 -11.78
CA THR A 180 1.71 8.69 -10.74
C THR A 180 2.61 9.91 -10.89
N THR A 181 3.91 9.68 -11.01
CA THR A 181 4.86 10.78 -11.19
C THR A 181 4.55 11.60 -12.46
N ALA A 182 4.19 10.92 -13.55
CA ALA A 182 3.93 11.56 -14.84
C ALA A 182 2.69 12.45 -14.82
N GLN A 183 1.69 12.04 -14.04
CA GLN A 183 0.50 12.87 -13.81
C GLN A 183 0.80 14.18 -13.09
N GLY A 184 1.87 14.20 -12.29
CA GLY A 184 2.31 15.39 -11.56
C GLY A 184 2.65 16.61 -12.40
N ALA A 185 2.90 16.41 -13.70
CA ALA A 185 3.08 17.52 -14.63
C ALA A 185 1.83 18.39 -14.80
N HIS A 186 0.64 17.84 -14.51
CA HIS A 186 -0.64 18.55 -14.64
C HIS A 186 -1.13 19.07 -13.30
N GLU A 187 -1.96 20.12 -13.34
CA GLU A 187 -2.42 20.82 -12.13
C GLU A 187 -3.36 19.96 -11.29
N ASN A 188 -4.42 19.44 -11.88
CA ASN A 188 -5.40 18.61 -11.17
C ASN A 188 -5.81 17.37 -12.00
N PRO A 189 -4.89 16.40 -12.15
CA PRO A 189 -5.17 15.18 -12.90
C PRO A 189 -6.09 14.24 -12.11
N LEU A 190 -6.64 13.22 -12.77
CA LEU A 190 -7.48 12.22 -12.13
C LEU A 190 -6.86 10.81 -12.21
N LEU A 191 -6.75 10.15 -11.07
CA LEU A 191 -6.32 8.75 -11.00
C LEU A 191 -7.52 7.91 -10.57
N ILE A 192 -7.88 6.90 -11.36
CA ILE A 192 -8.99 5.98 -11.03
C ILE A 192 -8.42 4.57 -10.87
N VAL A 193 -8.78 3.89 -9.80
CA VAL A 193 -8.35 2.51 -9.54
C VAL A 193 -9.59 1.64 -9.51
N ILE A 194 -9.63 0.60 -10.33
CA ILE A 194 -10.71 -0.40 -10.26
C ILE A 194 -10.08 -1.79 -10.10
N SER A 195 -10.32 -2.40 -8.95
CA SER A 195 -9.63 -3.63 -8.57
C SER A 195 -10.32 -4.38 -7.45
N THR A 196 -10.19 -5.70 -7.48
CA THR A 196 -10.48 -6.54 -6.33
C THR A 196 -9.40 -6.24 -5.32
N GLN A 197 -9.77 -6.30 -4.05
CA GLN A 197 -8.84 -5.99 -2.97
C GLN A 197 -7.58 -6.84 -3.02
N ALA A 198 -6.50 -6.28 -2.49
CA ALA A 198 -5.29 -7.05 -2.25
C ALA A 198 -5.58 -8.08 -1.16
N ALA A 199 -4.88 -9.20 -1.22
CA ALA A 199 -5.05 -10.26 -0.23
C ALA A 199 -4.54 -9.83 1.15
N ASN A 200 -3.56 -8.92 1.17
CA ASN A 200 -2.86 -8.57 2.39
C ASN A 200 -3.06 -7.10 2.77
N ASP A 201 -3.26 -6.85 4.07
CA ASP A 201 -3.35 -5.48 4.60
C ASP A 201 -2.10 -4.61 4.33
N ALA A 202 -0.94 -5.25 4.12
CA ALA A 202 0.32 -4.54 3.82
C ALA A 202 0.54 -4.18 2.33
N ASP A 203 -0.36 -4.62 1.46
CA ASP A 203 -0.21 -4.41 0.02
C ASP A 203 -0.65 -3.01 -0.38
N LEU A 204 -0.12 -2.55 -1.49
CA LEU A 204 -0.32 -1.18 -1.99
C LEU A 204 -1.77 -0.69 -1.97
N LEU A 205 -2.70 -1.50 -2.47
CA LEU A 205 -4.10 -1.09 -2.58
C LEU A 205 -4.77 -0.95 -1.23
N SER A 206 -4.48 -1.90 -0.33
CA SER A 206 -4.93 -1.85 1.06
C SER A 206 -4.53 -0.54 1.76
N ILE A 207 -3.30 -0.09 1.55
CA ILE A 207 -2.81 1.18 2.09
C ILE A 207 -3.59 2.36 1.51
N TRP A 208 -3.83 2.35 0.20
CA TRP A 208 -4.61 3.42 -0.44
C TRP A 208 -6.04 3.48 0.11
N ILE A 209 -6.67 2.32 0.21
CA ILE A 209 -8.04 2.25 0.71
C ILE A 209 -8.09 2.71 2.16
N ASP A 210 -7.21 2.17 3.00
CA ASP A 210 -7.18 2.52 4.42
C ASP A 210 -6.96 4.01 4.66
N ASP A 211 -6.04 4.61 3.89
CA ASP A 211 -5.77 6.04 4.02
C ASP A 211 -7.03 6.84 3.65
N ALA A 212 -7.71 6.46 2.58
CA ALA A 212 -8.93 7.15 2.16
C ALA A 212 -10.04 7.00 3.20
N VAL A 213 -10.20 5.79 3.73
CA VAL A 213 -11.25 5.50 4.72
C VAL A 213 -11.01 6.20 6.06
N LYS A 214 -9.77 6.17 6.54
CA LYS A 214 -9.43 6.82 7.81
C LYS A 214 -9.43 8.36 7.69
N SER A 215 -8.88 8.91 6.59
CA SER A 215 -8.79 10.37 6.40
C SER A 215 -10.11 11.04 5.99
N LYS A 216 -10.99 10.30 5.31
CA LYS A 216 -12.19 10.85 4.69
C LYS A 216 -11.88 12.08 3.82
N ASP A 217 -10.70 12.06 3.20
CA ASP A 217 -10.20 13.15 2.37
C ASP A 217 -11.30 13.51 1.36
N PRO A 218 -11.68 14.81 1.29
CA PRO A 218 -12.72 15.23 0.36
C PRO A 218 -12.33 15.08 -1.12
N HIS A 219 -11.04 15.01 -1.42
CA HIS A 219 -10.57 14.80 -2.80
C HIS A 219 -10.37 13.33 -3.21
N ILE A 220 -10.77 12.40 -2.34
CA ILE A 220 -10.65 10.98 -2.61
C ILE A 220 -12.01 10.30 -2.48
N VAL A 221 -12.36 9.52 -3.50
CA VAL A 221 -13.56 8.70 -3.50
C VAL A 221 -13.11 7.25 -3.36
N CYS A 222 -13.80 6.49 -2.54
CA CYS A 222 -13.40 5.12 -2.23
C CYS A 222 -14.65 4.31 -1.90
N HIS A 223 -15.16 3.61 -2.90
CA HIS A 223 -16.31 2.73 -2.73
C HIS A 223 -15.76 1.30 -2.72
N VAL A 224 -15.90 0.62 -1.58
CA VAL A 224 -15.42 -0.74 -1.41
C VAL A 224 -16.61 -1.62 -1.11
N TYR A 225 -16.85 -2.61 -1.97
CA TYR A 225 -17.88 -3.61 -1.80
C TYR A 225 -17.23 -4.91 -1.34
N GLU A 226 -17.44 -5.28 -0.08
CA GLU A 226 -16.88 -6.49 0.51
C GLU A 226 -17.85 -7.14 1.47
N ALA A 227 -17.78 -8.47 1.56
CA ALA A 227 -18.50 -9.22 2.58
C ALA A 227 -17.79 -8.99 3.93
N PRO A 228 -18.57 -8.70 5.00
CA PRO A 228 -17.97 -8.58 6.35
C PRO A 228 -17.19 -9.83 6.80
N LYS A 229 -16.20 -9.65 7.65
CA LYS A 229 -15.27 -10.72 8.07
C LYS A 229 -15.99 -12.00 8.53
N ASP A 230 -16.91 -11.84 9.47
CA ASP A 230 -17.64 -12.95 10.10
C ASP A 230 -18.85 -13.46 9.31
N ALA A 231 -19.07 -12.97 8.09
CA ALA A 231 -20.22 -13.35 7.28
C ALA A 231 -20.11 -14.77 6.74
N ASP A 232 -21.25 -15.44 6.65
CA ASP A 232 -21.36 -16.81 6.15
C ASP A 232 -21.08 -16.81 4.65
N ILE A 233 -20.05 -17.54 4.25
CA ILE A 233 -19.62 -17.56 2.84
C ILE A 233 -20.63 -18.20 1.86
N SER A 234 -21.58 -18.97 2.40
CA SER A 234 -22.62 -19.62 1.59
C SER A 234 -23.92 -18.80 1.42
N LYS A 235 -24.03 -17.66 2.09
CA LYS A 235 -25.28 -16.88 2.08
C LYS A 235 -25.27 -15.85 0.96
N ARG A 236 -26.43 -15.65 0.34
CA ARG A 236 -26.58 -14.71 -0.78
C ARG A 236 -26.24 -13.27 -0.39
N GLU A 237 -26.63 -12.85 0.82
CA GLU A 237 -26.36 -11.47 1.26
C GLU A 237 -24.87 -11.17 1.40
N SER A 238 -24.07 -12.19 1.73
CA SER A 238 -22.61 -12.07 1.69
C SER A 238 -22.09 -11.90 0.26
N TRP A 239 -22.72 -12.57 -0.69
CA TRP A 239 -22.33 -12.47 -2.10
C TRP A 239 -22.68 -11.09 -2.68
N LEU A 240 -23.90 -10.63 -2.41
CA LEU A 240 -24.34 -9.30 -2.85
C LEU A 240 -23.45 -8.18 -2.34
N ALA A 241 -23.00 -8.29 -1.09
CA ALA A 241 -22.15 -7.26 -0.47
C ALA A 241 -20.82 -7.02 -1.22
N ALA A 242 -20.26 -8.10 -1.77
CA ALA A 242 -19.03 -8.05 -2.56
C ALA A 242 -19.24 -8.01 -4.07
N ASN A 243 -20.41 -8.44 -4.54
CA ASN A 243 -20.72 -8.55 -5.96
C ASN A 243 -21.97 -7.70 -6.23
N PRO A 244 -21.81 -6.37 -6.32
CA PRO A 244 -23.01 -5.54 -6.52
C PRO A 244 -23.74 -5.74 -7.84
N ALA A 245 -23.07 -6.37 -8.81
CA ALA A 245 -23.69 -6.77 -10.08
C ALA A 245 -24.27 -8.19 -10.07
N LEU A 246 -24.64 -8.71 -8.89
CA LEU A 246 -25.17 -10.07 -8.79
C LEU A 246 -26.50 -10.14 -9.52
N GLY A 247 -26.57 -10.98 -10.55
CA GLY A 247 -27.76 -11.10 -11.39
C GLY A 247 -27.70 -10.38 -12.72
N THR A 248 -26.88 -9.33 -12.84
CA THR A 248 -26.78 -8.53 -14.08
C THR A 248 -25.50 -8.88 -14.86
N PHE A 249 -24.34 -8.52 -14.33
CA PHE A 249 -23.03 -8.89 -14.92
C PHE A 249 -22.43 -10.15 -14.27
N ARG A 250 -22.68 -10.35 -12.98
CA ARG A 250 -22.15 -11.48 -12.21
C ARG A 250 -23.18 -12.60 -12.09
N SER A 251 -22.82 -13.79 -12.56
CA SER A 251 -23.70 -14.95 -12.50
C SER A 251 -23.84 -15.45 -11.06
N GLU A 252 -25.08 -15.56 -10.60
CA GLU A 252 -25.35 -16.09 -9.27
C GLU A 252 -25.12 -17.59 -9.25
N LYS A 253 -25.43 -18.26 -10.36
CA LYS A 253 -25.12 -19.68 -10.59
C LYS A 253 -23.63 -19.92 -10.34
N ASP A 254 -22.77 -19.09 -10.94
CA ASP A 254 -21.31 -19.23 -10.78
C ASP A 254 -20.85 -18.96 -9.34
N MET A 255 -21.36 -17.90 -8.71
CA MET A 255 -21.08 -17.64 -7.28
C MET A 255 -21.42 -18.85 -6.41
N ALA A 256 -22.58 -19.47 -6.67
CA ALA A 256 -23.03 -20.65 -5.91
C ALA A 256 -22.09 -21.83 -6.07
N ARG A 257 -21.62 -22.06 -7.29
CA ARG A 257 -20.61 -23.09 -7.56
C ARG A 257 -19.31 -22.79 -6.80
N GLN A 258 -18.82 -21.54 -6.88
CA GLN A 258 -17.56 -21.16 -6.21
C GLN A 258 -17.68 -21.20 -4.68
N ALA A 259 -18.85 -20.87 -4.16
CA ALA A 259 -19.11 -20.93 -2.72
C ALA A 259 -19.15 -22.37 -2.20
N GLU A 260 -19.68 -23.30 -3.00
CA GLU A 260 -19.71 -24.72 -2.64
C GLU A 260 -18.30 -25.29 -2.67
N LYS A 261 -17.55 -24.95 -3.73
CA LYS A 261 -16.15 -25.36 -3.85
C LYS A 261 -15.33 -24.91 -2.65
N ALA A 262 -15.47 -23.63 -2.26
CA ALA A 262 -14.85 -23.10 -1.04
C ALA A 262 -15.20 -23.92 0.21
N GLY A 263 -16.46 -24.32 0.32
CA GLY A 263 -16.93 -25.17 1.41
C GLY A 263 -16.29 -26.56 1.44
N ARG A 264 -16.22 -27.20 0.27
CA ARG A 264 -15.63 -28.54 0.14
C ARG A 264 -14.08 -28.57 0.11
N MET A 265 -13.45 -27.51 -0.41
CA MET A 265 -11.98 -27.37 -0.44
C MET A 265 -11.51 -26.22 0.47
N PRO A 266 -11.04 -26.53 1.68
CA PRO A 266 -10.47 -25.51 2.56
C PRO A 266 -9.28 -24.72 1.99
N SER A 267 -8.49 -25.36 1.13
CA SER A 267 -7.38 -24.69 0.42
C SER A 267 -7.81 -23.66 -0.64
N PHE A 268 -9.08 -23.70 -1.04
CA PHE A 268 -9.68 -22.71 -1.96
C PHE A 268 -10.40 -21.55 -1.25
N GLU A 269 -10.66 -21.68 0.05
CA GLU A 269 -11.47 -20.70 0.79
C GLU A 269 -10.89 -19.28 0.69
N ASN A 270 -9.58 -19.15 0.86
CA ASN A 270 -8.93 -17.84 0.79
C ASN A 270 -9.05 -17.19 -0.60
N THR A 271 -8.90 -18.00 -1.66
CA THR A 271 -9.14 -17.52 -3.01
C THR A 271 -10.59 -17.05 -3.19
N PHE A 272 -11.55 -17.83 -2.70
CA PHE A 272 -12.95 -17.45 -2.78
C PHE A 272 -13.21 -16.15 -2.00
N ARG A 273 -12.69 -16.09 -0.78
CA ARG A 273 -12.80 -14.89 0.04
C ARG A 273 -12.24 -13.64 -0.64
N ASN A 274 -11.04 -13.74 -1.21
CA ASN A 274 -10.41 -12.59 -1.85
C ASN A 274 -11.10 -12.22 -3.17
N LEU A 275 -11.19 -13.19 -4.08
CA LEU A 275 -11.68 -12.93 -5.44
C LEU A 275 -13.19 -12.71 -5.55
N ASN A 276 -13.96 -13.41 -4.73
CA ASN A 276 -15.42 -13.45 -4.85
C ASN A 276 -16.19 -12.82 -3.70
N LEU A 277 -15.57 -12.68 -2.53
CA LEU A 277 -16.10 -11.86 -1.43
C LEU A 277 -15.35 -10.54 -1.20
N ASN A 278 -14.32 -10.27 -2.01
CA ASN A 278 -13.55 -9.02 -1.95
C ASN A 278 -12.97 -8.69 -0.57
N GLN A 279 -12.54 -9.74 0.15
CA GLN A 279 -11.99 -9.62 1.50
C GLN A 279 -10.48 -9.73 1.45
N ARG A 280 -9.83 -9.10 2.42
CA ARG A 280 -8.41 -9.34 2.67
C ARG A 280 -8.37 -10.59 3.50
N VAL A 281 -7.38 -11.45 3.24
CA VAL A 281 -7.24 -12.72 3.99
C VAL A 281 -6.27 -12.64 5.17
N SER A 282 -5.49 -11.55 5.23
CA SER A 282 -4.67 -11.25 6.39
C SER A 282 -5.53 -10.67 7.51
N THR A 283 -4.98 -10.65 8.71
CA THR A 283 -5.61 -9.99 9.88
C THR A 283 -4.68 -8.94 10.48
N VAL A 284 -5.29 -8.05 11.26
CA VAL A 284 -4.61 -6.87 11.80
C VAL A 284 -5.02 -6.73 13.25
N SER A 285 -4.05 -6.43 14.12
CA SER A 285 -4.38 -6.07 15.48
C SER A 285 -3.28 -5.21 16.08
N PRO A 286 -3.55 -4.56 17.23
CA PRO A 286 -2.48 -3.86 17.92
C PRO A 286 -1.39 -4.83 18.39
N PHE A 287 -0.15 -4.36 18.41
CA PHE A 287 0.98 -5.13 18.89
C PHE A 287 0.88 -5.36 20.41
N ILE A 288 0.72 -4.28 21.17
CA ILE A 288 0.80 -4.34 22.63
C ILE A 288 -0.02 -3.24 23.32
N SER A 289 -0.62 -3.59 24.46
CA SER A 289 -1.28 -2.60 25.30
C SER A 289 -0.23 -1.86 26.12
N ARG A 290 -0.53 -0.59 26.44
CA ARG A 290 0.38 0.22 27.27
C ARG A 290 0.63 -0.44 28.63
N SER A 291 -0.42 -0.98 29.25
CA SER A 291 -0.28 -1.65 30.54
C SER A 291 0.74 -2.81 30.50
N VAL A 292 0.67 -3.65 29.47
CA VAL A 292 1.61 -4.78 29.33
C VAL A 292 3.03 -4.26 29.07
N TRP A 293 3.15 -3.29 28.15
CA TRP A 293 4.44 -2.65 27.90
C TRP A 293 5.06 -2.09 29.17
N GLU A 294 4.29 -1.33 29.95
CA GLU A 294 4.79 -0.69 31.18
C GLU A 294 5.39 -1.66 32.20
N LEU A 295 4.89 -2.90 32.24
CA LEU A 295 5.44 -3.95 33.10
C LEU A 295 6.87 -4.40 32.78
N CYS A 296 7.39 -4.02 31.61
CA CYS A 296 8.78 -4.27 31.23
C CYS A 296 9.66 -3.00 31.28
N GLY A 297 9.21 -2.00 32.02
CA GLY A 297 9.87 -0.69 32.08
C GLY A 297 10.89 -0.43 33.18
N GLU A 298 11.39 -1.47 33.85
CA GLU A 298 12.53 -1.32 34.77
C GLU A 298 13.76 -1.00 33.93
N MET A 299 14.66 -0.16 34.45
CA MET A 299 15.80 0.33 33.65
C MET A 299 16.71 -0.82 33.22
N PRO A 300 17.27 -0.75 32.00
CA PRO A 300 18.17 -1.81 31.55
C PRO A 300 19.59 -1.66 32.14
N ILE A 301 20.28 -2.78 32.33
CA ILE A 301 21.69 -2.81 32.72
C ILE A 301 22.58 -3.25 31.56
N ASN A 302 23.84 -2.80 31.59
CA ASN A 302 24.84 -3.17 30.58
C ASN A 302 25.96 -3.97 31.24
N THR A 303 25.81 -5.29 31.24
CA THR A 303 26.83 -6.23 31.74
C THR A 303 27.25 -7.14 30.58
N PRO A 304 28.53 -7.60 30.57
CA PRO A 304 29.01 -8.49 29.51
C PRO A 304 28.10 -9.68 29.16
N ARG A 305 27.85 -9.83 27.86
CA ARG A 305 26.95 -10.86 27.30
C ARG A 305 27.09 -10.86 25.77
N LYS A 306 26.32 -11.71 25.11
CA LYS A 306 26.15 -11.63 23.66
C LYS A 306 25.13 -10.52 23.34
N TRP A 307 25.61 -9.37 22.87
CA TRP A 307 24.76 -8.25 22.46
C TRP A 307 24.42 -8.35 20.96
N TYR A 308 23.13 -8.21 20.65
CA TYR A 308 22.65 -8.20 19.26
C TYR A 308 22.03 -6.85 18.95
N ALA A 309 22.27 -6.38 17.72
CA ALA A 309 21.82 -5.07 17.28
C ALA A 309 20.84 -5.19 16.14
N GLY A 310 19.87 -4.27 16.08
CA GLY A 310 18.93 -4.15 14.97
C GLY A 310 18.88 -2.70 14.53
N LEU A 311 19.14 -2.45 13.25
CA LEU A 311 19.20 -1.09 12.72
C LEU A 311 18.17 -0.91 11.59
N ASP A 312 17.30 0.10 11.75
CA ASP A 312 16.28 0.45 10.75
C ASP A 312 16.43 1.92 10.36
N LEU A 313 17.07 2.14 9.21
CA LEU A 313 17.26 3.47 8.63
C LEU A 313 16.21 3.81 7.56
N SER A 314 15.23 2.92 7.34
CA SER A 314 14.27 3.01 6.20
C SER A 314 13.52 4.35 6.06
N ALA A 315 12.87 4.79 7.14
CA ALA A 315 12.17 6.09 7.15
C ALA A 315 13.17 7.25 7.26
N ARG A 316 13.81 7.55 6.13
CA ARG A 316 14.86 8.58 6.05
C ARG A 316 14.39 10.02 6.33
N ASN A 317 13.10 10.30 6.09
CA ASN A 317 12.53 11.64 6.31
C ASN A 317 11.84 11.80 7.67
N ASP A 318 11.50 10.69 8.34
CA ASP A 318 10.78 10.72 9.62
C ASP A 318 11.66 10.29 10.81
N LEU A 319 11.91 8.99 10.98
CA LEU A 319 12.56 8.46 12.19
C LEU A 319 13.35 7.17 11.96
N THR A 320 14.64 7.23 12.25
CA THR A 320 15.58 6.12 12.10
C THR A 320 15.84 5.55 13.50
N ALA A 321 16.16 4.26 13.61
CA ALA A 321 16.37 3.64 14.93
C ALA A 321 17.36 2.48 14.97
N LEU A 322 18.24 2.51 15.99
CA LEU A 322 19.10 1.40 16.37
C LEU A 322 18.64 0.83 17.71
N VAL A 323 18.56 -0.50 17.80
CA VAL A 323 18.31 -1.17 19.09
C VAL A 323 19.37 -2.25 19.33
N ILE A 324 20.05 -2.14 20.47
CA ILE A 324 20.97 -3.14 20.95
C ILE A 324 20.29 -3.87 22.11
N ALA A 325 20.23 -5.20 22.02
CA ALA A 325 19.58 -6.02 23.05
C ALA A 325 20.31 -7.32 23.28
N GLY A 326 20.22 -7.83 24.50
CA GLY A 326 20.91 -9.06 24.88
C GLY A 326 20.41 -9.65 26.18
N GLU A 327 20.47 -10.97 26.27
CA GLU A 327 19.97 -11.71 27.43
C GLU A 327 20.96 -11.63 28.60
N ALA A 328 20.45 -11.24 29.78
CA ALA A 328 21.26 -11.19 31.00
C ALA A 328 21.41 -12.60 31.60
N ASP A 329 22.15 -12.69 32.71
CA ASP A 329 22.33 -13.98 33.43
C ASP A 329 21.01 -14.54 33.99
N ASP A 330 20.11 -13.66 34.44
CA ASP A 330 18.71 -14.04 34.66
C ASP A 330 18.07 -14.29 33.28
N GLY A 331 16.76 -14.49 33.20
CA GLY A 331 16.15 -14.71 31.89
C GLY A 331 16.03 -13.49 30.97
N VAL A 332 16.30 -12.30 31.49
CA VAL A 332 15.73 -11.06 30.97
C VAL A 332 16.61 -10.38 29.91
N TRP A 333 15.95 -9.75 28.93
CA TRP A 333 16.59 -9.01 27.87
C TRP A 333 16.63 -7.53 28.17
N ASP A 334 17.83 -6.94 28.12
CA ASP A 334 18.02 -5.51 28.30
C ASP A 334 18.09 -4.84 26.93
N VAL A 335 17.30 -3.79 26.77
CA VAL A 335 17.07 -3.13 25.49
C VAL A 335 17.54 -1.69 25.59
N PHE A 336 18.43 -1.29 24.70
CA PHE A 336 18.96 0.07 24.64
C PHE A 336 18.67 0.63 23.26
N PRO A 337 17.70 1.56 23.14
CA PRO A 337 17.39 2.14 21.84
C PRO A 337 18.04 3.52 21.64
N PHE A 338 18.38 3.82 20.39
CA PHE A 338 18.93 5.11 19.99
C PHE A 338 18.21 5.53 18.71
N PHE A 339 17.87 6.80 18.60
CA PHE A 339 17.02 7.29 17.52
C PHE A 339 17.65 8.49 16.83
N TRP A 340 17.43 8.59 15.52
CA TRP A 340 17.89 9.74 14.71
C TRP A 340 16.72 10.32 13.92
N THR A 341 16.70 11.65 13.78
CA THR A 341 15.63 12.36 13.06
C THR A 341 16.20 13.61 12.37
N PRO A 342 15.59 14.05 11.24
CA PRO A 342 16.16 15.23 10.56
C PRO A 342 15.90 16.55 11.31
N GLN A 343 16.92 17.42 11.38
CA GLN A 343 16.85 18.67 12.15
C GLN A 343 15.94 19.73 11.52
N LYS A 344 16.02 19.92 10.21
CA LYS A 344 15.20 20.94 9.50
C LYS A 344 13.70 20.73 9.71
N THR A 345 13.25 19.48 9.57
CA THR A 345 11.83 19.14 9.70
C THR A 345 11.40 18.71 11.13
N LEU A 346 12.13 19.18 12.15
CA LEU A 346 11.85 18.82 13.54
C LEU A 346 10.61 19.53 14.09
N GLU A 347 10.54 20.84 13.90
CA GLU A 347 9.39 21.64 14.36
C GLU A 347 8.11 21.25 13.61
N GLU A 348 8.23 21.10 12.30
CA GLU A 348 7.11 20.66 11.45
C GLU A 348 6.55 19.30 11.87
N ARG A 349 7.43 18.32 12.06
CA ARG A 349 7.03 16.94 12.41
C ARG A 349 6.46 16.80 13.82
N THR A 350 6.99 17.57 14.77
CA THR A 350 6.43 17.69 16.13
C THR A 350 4.92 17.97 16.08
N LYS A 351 4.53 18.91 15.23
CA LYS A 351 3.13 19.31 15.06
C LYS A 351 2.35 18.27 14.24
N THR A 352 2.92 17.83 13.12
CA THR A 352 2.32 16.85 12.23
C THR A 352 1.99 15.53 12.93
N ASP A 353 2.99 14.97 13.61
CA ASP A 353 2.86 13.68 14.29
C ASP A 353 2.20 13.75 15.68
N ARG A 354 2.12 14.95 16.25
CA ARG A 354 1.65 15.16 17.64
C ARG A 354 2.46 14.35 18.64
N ALA A 355 3.79 14.49 18.54
CA ALA A 355 4.73 13.84 19.43
C ALA A 355 5.78 14.86 19.86
N PRO A 356 6.16 14.89 21.15
CA PRO A 356 7.10 15.91 21.61
C PRO A 356 8.56 15.63 21.24
N TYR A 357 8.87 15.67 19.94
CA TYR A 357 10.22 15.41 19.44
C TYR A 357 11.19 16.48 19.93
N ASP A 358 10.74 17.74 19.93
CA ASP A 358 11.50 18.89 20.45
C ASP A 358 12.02 18.66 21.87
N VAL A 359 11.14 18.22 22.76
CA VAL A 359 11.47 17.95 24.16
C VAL A 359 12.49 16.80 24.27
N TRP A 360 12.30 15.77 23.46
CA TRP A 360 13.15 14.58 23.48
C TRP A 360 14.57 14.86 22.97
N VAL A 361 14.68 15.58 21.85
CA VAL A 361 15.98 16.05 21.35
C VAL A 361 16.68 16.86 22.43
N ARG A 362 15.99 17.86 22.97
CA ARG A 362 16.48 18.66 24.09
C ARG A 362 16.97 17.81 25.28
N GLU A 363 16.17 16.81 25.65
CA GLU A 363 16.50 15.89 26.77
C GLU A 363 17.55 14.81 26.44
N GLY A 364 18.11 14.80 25.23
CA GLY A 364 19.13 13.82 24.84
C GLY A 364 18.62 12.39 24.59
N LEU A 365 17.30 12.23 24.45
CA LEU A 365 16.66 10.93 24.22
C LEU A 365 16.45 10.66 22.73
N LEU A 366 16.42 11.73 21.93
CA LEU A 366 16.42 11.66 20.48
C LEU A 366 17.59 12.49 19.96
N ARG A 367 18.12 12.11 18.80
CA ARG A 367 19.32 12.71 18.22
C ARG A 367 18.94 13.24 16.84
N THR A 368 19.59 14.32 16.41
CA THR A 368 19.34 14.92 15.09
C THR A 368 20.47 14.73 14.10
N THR A 369 20.10 14.81 12.82
CA THR A 369 21.02 14.93 11.71
C THR A 369 20.63 16.20 10.96
N PRO A 370 21.61 16.95 10.41
CA PRO A 370 21.26 18.16 9.64
C PRO A 370 20.54 17.83 8.32
N GLY A 371 19.63 18.72 7.90
CA GLY A 371 18.86 18.55 6.67
C GLY A 371 17.45 18.00 6.89
N ALA A 372 16.79 17.69 5.78
CA ALA A 372 15.45 17.08 5.77
C ALA A 372 15.51 15.54 5.73
N SER A 373 16.64 14.98 5.30
CA SER A 373 16.88 13.54 5.32
C SER A 373 17.88 13.16 6.41
N VAL A 374 17.84 11.90 6.84
CA VAL A 374 18.79 11.35 7.80
C VAL A 374 20.11 11.06 7.06
N ASP A 375 21.16 11.78 7.45
CA ASP A 375 22.49 11.64 6.85
C ASP A 375 23.23 10.41 7.42
N TYR A 376 23.34 9.36 6.61
CA TYR A 376 24.05 8.11 6.97
C TYR A 376 25.41 8.32 7.63
N SER A 377 26.17 9.30 7.13
CA SER A 377 27.49 9.68 7.66
C SER A 377 27.44 10.04 9.15
N PHE A 378 26.40 10.75 9.55
CA PHE A 378 26.24 11.20 10.94
C PHE A 378 25.73 10.07 11.85
N VAL A 379 24.93 9.16 11.28
CA VAL A 379 24.44 7.99 12.01
C VAL A 379 25.57 7.01 12.35
N VAL A 380 26.42 6.68 11.37
CA VAL A 380 27.55 5.77 11.61
C VAL A 380 28.60 6.34 12.57
N ALA A 381 28.80 7.65 12.53
CA ALA A 381 29.72 8.33 13.46
C ALA A 381 29.27 8.17 14.91
N ASP A 382 27.98 8.38 15.18
CA ASP A 382 27.40 8.15 16.51
C ASP A 382 27.46 6.69 16.95
N ILE A 383 27.14 5.78 16.04
CA ILE A 383 27.16 4.35 16.33
C ILE A 383 28.55 3.92 16.82
N ALA A 384 29.59 4.46 16.20
CA ALA A 384 30.98 4.23 16.62
C ALA A 384 31.21 4.63 18.08
N GLU A 385 30.66 5.77 18.49
CA GLU A 385 30.67 6.18 19.91
C GLU A 385 29.79 5.24 20.76
N ILE A 386 28.62 4.88 20.25
CA ILE A 386 27.67 4.01 20.98
C ILE A 386 28.24 2.61 21.22
N ILE A 387 28.74 1.96 20.17
CA ILE A 387 29.28 0.58 20.29
C ILE A 387 30.58 0.50 21.10
N GLY A 388 31.16 1.64 21.48
CA GLY A 388 32.21 1.67 22.49
C GLY A 388 31.85 0.95 23.78
N ASP A 389 30.57 1.00 24.17
CA ASP A 389 30.06 0.31 25.36
C ASP A 389 29.45 -1.08 25.10
N PHE A 390 29.49 -1.57 23.85
CA PHE A 390 28.87 -2.84 23.46
C PHE A 390 29.73 -3.66 22.48
N ASP A 391 30.11 -4.86 22.87
CA ASP A 391 30.73 -5.81 21.95
C ASP A 391 29.61 -6.59 21.26
N LEU A 392 29.24 -6.11 20.07
CA LEU A 392 28.15 -6.71 19.29
C LEU A 392 28.56 -8.04 18.65
N THR A 393 27.66 -9.03 18.76
CA THR A 393 27.81 -10.30 18.05
C THR A 393 27.35 -10.15 16.59
N SER A 394 26.16 -9.58 16.40
CA SER A 394 25.56 -9.34 15.08
C SER A 394 24.80 -8.02 15.05
N MET A 395 24.62 -7.46 13.85
CA MET A 395 23.74 -6.29 13.64
C MET A 395 22.83 -6.60 12.46
N ALA A 396 21.54 -6.80 12.73
CA ALA A 396 20.56 -7.11 11.68
C ALA A 396 20.23 -5.86 10.86
N PHE A 397 20.17 -6.02 9.55
CA PHE A 397 19.96 -4.92 8.61
C PHE A 397 19.26 -5.44 7.36
N ASP A 398 18.51 -4.54 6.73
CA ASP A 398 17.82 -4.81 5.46
C ASP A 398 18.72 -5.60 4.48
N ARG A 399 18.25 -6.77 4.05
CA ARG A 399 19.01 -7.66 3.16
C ARG A 399 19.33 -7.03 1.79
N TRP A 400 18.44 -6.17 1.30
CA TRP A 400 18.62 -5.52 0.00
C TRP A 400 19.55 -4.28 -0.01
N ARG A 401 19.82 -3.69 1.16
CA ARG A 401 20.67 -2.48 1.26
C ARG A 401 21.93 -2.66 2.13
N ILE A 402 22.35 -3.91 2.33
CA ILE A 402 23.43 -4.24 3.27
C ILE A 402 24.83 -3.82 2.79
N ASP A 403 25.10 -3.98 1.50
CA ASP A 403 26.41 -3.64 0.91
C ASP A 403 26.64 -2.13 0.88
N GLN A 404 25.58 -1.37 0.59
CA GLN A 404 25.65 0.10 0.58
C GLN A 404 25.91 0.69 1.97
N PHE A 405 25.30 0.10 3.01
CA PHE A 405 25.58 0.50 4.39
C PHE A 405 26.96 0.02 4.86
N ARG A 406 27.34 -1.22 4.52
CA ARG A 406 28.67 -1.76 4.84
C ARG A 406 29.81 -0.91 4.27
N LYS A 407 29.64 -0.44 3.03
CA LYS A 407 30.61 0.45 2.38
C LYS A 407 30.71 1.81 3.09
N ASP A 408 29.57 2.39 3.47
CA ASP A 408 29.55 3.69 4.16
C ASP A 408 30.10 3.62 5.59
N ALA A 409 29.84 2.50 6.28
CA ALA A 409 30.42 2.24 7.62
C ALA A 409 31.94 2.04 7.56
N ASP A 410 32.38 1.18 6.63
CA ASP A 410 33.81 0.94 6.40
C ASP A 410 34.56 2.22 6.04
N ALA A 411 33.94 3.05 5.20
CA ALA A 411 34.47 4.37 4.82
C ALA A 411 34.89 5.29 6.00
N ILE A 412 34.20 5.20 7.14
CA ILE A 412 34.53 5.98 8.33
C ILE A 412 35.36 5.19 9.36
N GLY A 413 35.95 4.08 8.94
CA GLY A 413 36.76 3.23 9.83
C GLY A 413 36.00 2.35 10.80
N LEU A 414 34.70 2.16 10.58
CA LEU A 414 33.83 1.43 11.53
C LEU A 414 33.39 0.08 10.95
N SER A 415 33.86 -1.01 11.55
CA SER A 415 33.48 -2.36 11.13
C SER A 415 32.35 -2.83 12.01
N LEU A 416 31.28 -3.31 11.37
CA LEU A 416 30.07 -3.76 12.04
C LEU A 416 29.78 -5.18 11.59
N PRO A 417 29.41 -6.08 12.53
CA PRO A 417 29.13 -7.46 12.13
C PRO A 417 27.73 -7.59 11.51
N LEU A 418 27.58 -7.09 10.28
CA LEU A 418 26.27 -7.00 9.64
C LEU A 418 25.80 -8.38 9.19
N VAL A 419 24.53 -8.66 9.48
CA VAL A 419 23.84 -9.89 9.06
C VAL A 419 22.57 -9.45 8.34
N GLU A 420 22.27 -10.10 7.20
CA GLU A 420 21.12 -9.73 6.37
C GLU A 420 19.84 -10.11 7.09
N PHE A 421 18.85 -9.22 7.04
CA PHE A 421 17.56 -9.46 7.70
C PHE A 421 16.40 -8.96 6.84
N GLY A 422 15.56 -9.89 6.39
CA GLY A 422 14.43 -9.57 5.54
C GLY A 422 13.38 -8.73 6.24
N GLN A 423 12.80 -7.78 5.50
CA GLN A 423 11.80 -6.85 6.01
C GLN A 423 10.36 -7.35 5.77
N GLY A 424 10.22 -8.41 4.99
CA GLY A 424 8.94 -9.07 4.74
C GLY A 424 8.42 -9.98 5.84
N PHE A 425 7.36 -10.69 5.49
CA PHE A 425 6.66 -11.58 6.40
C PHE A 425 7.49 -12.80 6.81
N LYS A 426 8.25 -13.37 5.89
CA LYS A 426 8.99 -14.63 6.17
C LYS A 426 10.06 -14.49 7.25
N ASP A 427 10.78 -13.36 7.25
CA ASP A 427 11.88 -13.13 8.19
C ASP A 427 11.39 -12.47 9.49
N MET A 428 10.39 -11.59 9.40
CA MET A 428 9.83 -10.93 10.59
C MET A 428 8.99 -11.85 11.43
N GLY A 429 8.25 -12.74 10.77
CA GLY A 429 7.34 -13.66 11.44
C GLY A 429 7.85 -14.24 12.75
N PRO A 430 8.96 -15.01 12.70
CA PRO A 430 9.48 -15.63 13.93
C PRO A 430 9.99 -14.62 14.97
N ALA A 431 10.59 -13.53 14.51
CA ALA A 431 11.14 -12.52 15.40
C ALA A 431 10.05 -11.80 16.19
N VAL A 432 8.94 -11.48 15.53
CA VAL A 432 7.78 -10.90 16.20
C VAL A 432 7.25 -11.87 17.27
N ASP A 433 7.13 -13.15 16.93
CA ASP A 433 6.65 -14.16 17.88
C ASP A 433 7.55 -14.27 19.11
N THR A 434 8.87 -14.21 18.90
CA THR A 434 9.83 -14.25 19.99
C THR A 434 9.71 -13.01 20.88
N LEU A 435 9.68 -11.83 20.26
CA LEU A 435 9.54 -10.58 21.00
C LEU A 435 8.26 -10.58 21.84
N GLU A 436 7.14 -10.93 21.20
CA GLU A 436 5.87 -11.02 21.89
C GLU A 436 5.96 -11.96 23.10
N SER A 437 6.59 -13.12 22.92
CA SER A 437 6.69 -14.10 23.99
C SER A 437 7.52 -13.59 25.19
N LEU A 438 8.58 -12.82 24.90
CA LEU A 438 9.39 -12.16 25.95
C LEU A 438 8.63 -11.07 26.72
N MET A 439 7.88 -10.23 26.01
CA MET A 439 7.04 -9.20 26.65
C MET A 439 5.99 -9.81 27.58
N LEU A 440 5.38 -10.90 27.10
CA LEU A 440 4.31 -11.61 27.81
C LEU A 440 4.71 -12.19 29.18
N ASN A 441 5.96 -12.64 29.30
CA ASN A 441 6.47 -13.20 30.57
C ASN A 441 7.44 -12.24 31.28
N GLY A 442 7.34 -10.95 31.02
CA GLY A 442 8.13 -9.93 31.71
C GLY A 442 9.64 -9.99 31.54
N ARG A 443 10.13 -10.56 30.43
CA ARG A 443 11.57 -10.81 30.23
C ARG A 443 12.24 -9.72 29.37
N VAL A 444 11.83 -8.47 29.58
CA VAL A 444 12.44 -7.32 28.92
C VAL A 444 12.59 -6.19 29.95
N ARG A 445 13.75 -5.51 29.90
CA ARG A 445 13.95 -4.25 30.60
C ARG A 445 14.20 -3.17 29.56
N HIS A 446 13.25 -2.25 29.39
CA HIS A 446 13.43 -1.12 28.44
C HIS A 446 13.38 0.29 29.08
N GLY A 447 13.24 0.36 30.40
CA GLY A 447 13.40 1.62 31.14
C GLY A 447 12.45 2.75 30.77
N MET A 448 11.26 2.40 30.32
CA MET A 448 10.28 3.33 29.76
C MET A 448 10.86 4.42 28.85
N HIS A 449 11.78 4.06 27.96
CA HIS A 449 12.33 5.02 27.01
C HIS A 449 11.14 5.62 26.24
N PRO A 450 10.94 6.95 26.31
CA PRO A 450 9.73 7.56 25.74
C PRO A 450 9.51 7.36 24.25
N VAL A 451 10.59 7.42 23.48
CA VAL A 451 10.53 7.26 22.02
C VAL A 451 10.16 5.83 21.63
N LEU A 452 10.80 4.84 22.25
CA LEU A 452 10.52 3.42 21.99
C LEU A 452 9.10 3.11 22.40
N THR A 453 8.72 3.64 23.57
CA THR A 453 7.36 3.51 24.09
C THR A 453 6.30 4.04 23.13
N MET A 454 6.55 5.22 22.56
CA MET A 454 5.70 5.78 21.51
C MET A 454 5.53 4.78 20.35
N CYS A 455 6.65 4.20 19.89
CA CYS A 455 6.64 3.21 18.82
C CYS A 455 5.84 1.95 19.19
N ALA A 456 6.00 1.48 20.43
CA ALA A 456 5.30 0.27 20.92
C ALA A 456 3.80 0.46 20.91
N VAL A 457 3.37 1.58 21.48
CA VAL A 457 1.95 1.95 21.59
C VAL A 457 1.31 2.22 20.22
N ASN A 458 2.07 2.80 19.29
CA ASN A 458 1.58 2.98 17.91
C ASN A 458 1.53 1.70 17.07
N ALA A 459 2.35 0.71 17.43
CA ALA A 459 2.55 -0.49 16.60
C ALA A 459 1.27 -1.30 16.38
N VAL A 460 1.08 -1.67 15.11
CA VAL A 460 0.05 -2.59 14.67
C VAL A 460 0.80 -3.75 13.99
N VAL A 461 0.23 -4.95 14.10
CA VAL A 461 0.81 -6.18 13.54
C VAL A 461 -0.13 -6.73 12.49
N VAL A 462 0.37 -6.97 11.28
CA VAL A 462 -0.39 -7.64 10.23
C VAL A 462 0.03 -9.11 10.21
N LYS A 463 -0.94 -10.02 10.23
CA LYS A 463 -0.65 -11.45 10.13
C LYS A 463 -1.15 -12.00 8.80
N ASP A 464 -0.24 -12.56 8.00
CA ASP A 464 -0.60 -13.10 6.68
C ASP A 464 -1.33 -14.43 6.82
N ALA A 465 -1.82 -14.95 5.70
CA ALA A 465 -2.63 -16.15 5.67
C ALA A 465 -1.90 -17.41 6.15
N ALA A 466 -0.57 -17.42 6.03
CA ALA A 466 0.28 -18.52 6.53
C ALA A 466 0.66 -18.42 8.02
N GLY A 467 0.18 -17.39 8.72
CA GLY A 467 0.49 -17.19 10.15
C GLY A 467 1.74 -16.35 10.46
N ASN A 468 2.36 -15.75 9.44
CA ASN A 468 3.55 -14.91 9.65
C ASN A 468 3.12 -13.49 9.99
N ARG A 469 3.67 -12.96 11.10
CA ARG A 469 3.36 -11.62 11.59
C ARG A 469 4.44 -10.62 11.21
N LYS A 470 4.04 -9.40 10.88
CA LYS A 470 4.97 -8.28 10.89
C LYS A 470 4.33 -6.94 11.23
N LEU A 471 5.18 -6.03 11.65
CA LEU A 471 4.79 -4.69 12.04
C LEU A 471 4.54 -3.90 10.77
N ASP A 472 3.59 -2.97 10.80
CA ASP A 472 3.25 -2.21 9.62
C ASP A 472 3.25 -0.71 9.92
N LYS A 473 4.10 0.01 9.18
CA LYS A 473 4.27 1.45 9.36
C LYS A 473 3.08 2.24 8.80
N SER A 474 2.49 1.72 7.72
CA SER A 474 1.33 2.34 7.06
C SER A 474 0.02 2.19 7.85
N LYS A 475 -0.21 1.01 8.43
CA LYS A 475 -1.38 0.79 9.31
C LYS A 475 -1.32 1.61 10.58
N ALA A 476 -0.13 1.76 11.15
CA ALA A 476 0.06 2.54 12.36
C ALA A 476 -0.18 4.05 12.14
N THR A 477 -0.78 4.68 13.14
CA THR A 477 -0.84 6.16 13.20
C THR A 477 0.30 6.62 14.14
N GLY A 478 1.24 7.38 13.57
CA GLY A 478 2.49 7.73 14.25
C GLY A 478 3.58 6.71 13.98
N ARG A 479 4.79 7.04 14.40
CA ARG A 479 5.98 6.27 14.08
C ARG A 479 6.09 4.97 14.89
N ILE A 480 6.68 3.94 14.28
CA ILE A 480 6.89 2.62 14.91
C ILE A 480 8.30 2.04 14.69
N ASP A 481 9.24 2.87 14.26
CA ASP A 481 10.48 2.37 13.67
C ASP A 481 11.39 1.71 14.71
N GLY A 482 11.33 2.22 15.94
CA GLY A 482 12.01 1.59 17.09
C GLY A 482 11.63 0.13 17.32
N MET A 483 10.35 -0.21 17.09
CA MET A 483 9.86 -1.57 17.21
C MET A 483 10.32 -2.50 16.09
N VAL A 484 10.53 -1.95 14.90
CA VAL A 484 11.10 -2.73 13.80
C VAL A 484 12.55 -3.13 14.17
N ALA A 485 13.33 -2.14 14.58
CA ALA A 485 14.71 -2.35 15.02
C ALA A 485 14.80 -3.28 16.24
N MET A 486 13.86 -3.14 17.18
CA MET A 486 13.79 -4.05 18.34
C MET A 486 13.46 -5.50 17.92
N THR A 487 12.55 -5.66 16.97
CA THR A 487 12.21 -6.97 16.42
C THR A 487 13.41 -7.62 15.74
N MET A 488 14.09 -6.87 14.87
CA MET A 488 15.31 -7.34 14.20
C MET A 488 16.40 -7.73 15.19
N SER A 489 16.55 -6.92 16.25
CA SER A 489 17.54 -7.16 17.31
C SER A 489 17.30 -8.50 18.01
N VAL A 490 16.06 -8.74 18.40
CA VAL A 490 15.65 -10.03 18.97
C VAL A 490 15.85 -11.13 17.94
N GLY A 491 15.34 -10.91 16.73
CA GLY A 491 15.45 -11.86 15.61
C GLY A 491 16.86 -12.35 15.29
N ALA A 492 17.84 -11.48 15.45
CA ALA A 492 19.26 -11.83 15.22
C ALA A 492 19.84 -12.94 16.14
N ALA A 493 19.08 -13.39 17.14
CA ALA A 493 19.36 -14.62 17.88
C ALA A 493 18.29 -15.69 17.60
#